data_6V4W
#
_entry.id   6V4W
#
_cell.length_a   75.702
_cell.length_b   76.313
_cell.length_c   89.376
_cell.angle_alpha   90.000
_cell.angle_beta   90.000
_cell.angle_gamma   90.000
#
_symmetry.space_group_name_H-M   'P 21 21 21'
#
loop_
_entity.id
_entity.type
_entity.pdbx_description
1 polymer Beta-lactamase
2 non-polymer 'ACETATE ION'
3 non-polymer 'CHLORIDE ION'
4 non-polymer '2-(N-MORPHOLINO)-ETHANESULFONIC ACID'
5 non-polymer 'FORMIC ACID'
6 water water
#
_entity_poly.entity_id   1
_entity_poly.type   'polypeptide(L)'
_entity_poly.pdbx_seq_one_letter_code
;SNASAQDNNTRQKVNEIAATARGHVGVA(MSE)(MSE)SLENGDT(MSE)TLNGNDHFP(MSE)QSVFKVPLAIAVLDQV
DKGKLSLDQVIHITKKELLPFTWSPIREKYPEGTDLKLREVLAYTVSQSDNNGCDILFNLVGGTAYVEQYIHGLGVDS
(MSE)AIKANEER(MSE)ASAWKVQYTNWSSPLATLQLLKGIHTGKYLSKASNDFLLKI(MSE)KETTTGPKRLRG
(MSE)LPADAVVAHKTGSSDTKDGLTAATNDAGIVTLPDGSHLAIVVFVSDTKVNEAIREGVIARITRLFWDAAN
;
_entity_poly.pdbx_strand_id   A,B
#
loop_
_chem_comp.id
_chem_comp.type
_chem_comp.name
_chem_comp.formula
ACT non-polymer 'ACETATE ION' 'C2 H3 O2 -1'
CL non-polymer 'CHLORIDE ION' 'Cl -1'
FMT non-polymer 'FORMIC ACID' 'C H2 O2'
MES non-polymer '2-(N-MORPHOLINO)-ETHANESULFONIC ACID' 'C6 H13 N O4 S'
#
# COMPACT_ATOMS: atom_id res chain seq x y z
N SER A 4 -16.21 7.87 -23.42
CA SER A 4 -14.87 8.14 -23.92
C SER A 4 -13.93 6.98 -23.59
N ALA A 5 -13.01 6.70 -24.51
CA ALA A 5 -12.01 5.66 -24.25
C ALA A 5 -11.11 6.03 -23.08
N GLN A 6 -10.96 7.33 -22.82
CA GLN A 6 -10.16 7.78 -21.68
C GLN A 6 -10.82 7.34 -20.37
N ASP A 7 -12.13 7.54 -20.25
CA ASP A 7 -12.84 7.15 -19.04
C ASP A 7 -13.04 5.64 -18.95
N ASN A 8 -13.18 4.95 -20.09
CA ASN A 8 -13.23 3.49 -20.06
C ASN A 8 -11.92 2.92 -19.54
N ASN A 9 -10.79 3.46 -19.99
CA ASN A 9 -9.50 3.00 -19.48
C ASN A 9 -9.37 3.27 -17.99
N THR A 10 -9.72 4.49 -17.55
CA THR A 10 -9.69 4.80 -16.12
C THR A 10 -10.55 3.82 -15.33
N ARG A 11 -11.78 3.60 -15.78
CA ARG A 11 -12.68 2.69 -15.07
C ARG A 11 -12.10 1.29 -14.99
N GLN A 12 -11.53 0.81 -16.11
CA GLN A 12 -10.95 -0.53 -16.13
C GLN A 12 -9.79 -0.62 -15.14
N LYS A 13 -8.97 0.43 -15.06
CA LYS A 13 -7.84 0.40 -14.14
C LYS A 13 -8.30 0.47 -12.69
N VAL A 14 -9.35 1.25 -12.39
CA VAL A 14 -9.89 1.24 -11.03
C VAL A 14 -10.29 -0.17 -10.64
N ASN A 15 -11.00 -0.87 -11.52
CA ASN A 15 -11.41 -2.24 -11.24
C ASN A 15 -10.21 -3.15 -11.01
N GLU A 16 -9.19 -3.04 -11.85
CA GLU A 16 -8.01 -3.89 -11.71
C GLU A 16 -7.28 -3.62 -10.40
N ILE A 17 -7.10 -2.34 -10.06
CA ILE A 17 -6.45 -2.01 -8.80
C ILE A 17 -7.29 -2.51 -7.63
N ALA A 18 -8.60 -2.24 -7.66
CA ALA A 18 -9.46 -2.68 -6.58
C ALA A 18 -9.41 -4.20 -6.40
N ALA A 19 -9.32 -4.93 -7.51
CA ALA A 19 -9.30 -6.40 -7.43
C ALA A 19 -8.10 -6.91 -6.64
N THR A 20 -7.00 -6.17 -6.59
CA THR A 20 -5.83 -6.66 -5.86
C THR A 20 -6.08 -6.76 -4.36
N ALA A 21 -7.08 -6.04 -3.84
CA ALA A 21 -7.41 -6.16 -2.42
C ALA A 21 -8.20 -7.42 -2.11
N ARG A 22 -8.74 -8.09 -3.14
CA ARG A 22 -9.50 -9.32 -2.95
C ARG A 22 -10.52 -9.17 -1.82
N GLY A 23 -11.27 -8.08 -1.87
CA GLY A 23 -12.19 -7.76 -0.80
C GLY A 23 -13.36 -6.95 -1.29
N HIS A 24 -13.91 -6.14 -0.40
CA HIS A 24 -15.03 -5.27 -0.69
C HIS A 24 -14.45 -3.86 -0.82
N VAL A 25 -14.44 -3.31 -2.03
CA VAL A 25 -13.81 -2.02 -2.30
C VAL A 25 -14.86 -1.06 -2.81
N GLY A 26 -14.92 0.12 -2.19
CA GLY A 26 -15.83 1.17 -2.66
C GLY A 26 -15.04 2.40 -3.06
N VAL A 27 -15.39 2.97 -4.20
CA VAL A 27 -14.73 4.17 -4.70
C VAL A 27 -15.79 5.16 -5.12
N ALA A 28 -15.59 6.43 -4.77
CA ALA A 28 -16.39 7.49 -5.35
C ALA A 28 -15.49 8.68 -5.56
N MSE A 29 -15.53 9.26 -6.74
CA MSE A 29 -14.77 10.46 -7.00
C MSE A 29 -15.63 11.46 -7.75
O MSE A 29 -16.54 11.10 -8.47
CB MSE A 29 -13.51 10.14 -7.79
CG MSE A 29 -13.71 9.78 -9.23
SE MSE A 29 -13.98 11.32 -10.42
CE MSE A 29 -12.52 12.38 -9.83
N MSE A 30 -15.32 12.73 -7.55
CA MSE A 30 -15.96 13.79 -8.30
C MSE A 30 -14.94 14.84 -8.68
O MSE A 30 -14.13 15.25 -7.85
CB MSE A 30 -17.07 14.44 -7.47
CG MSE A 30 -17.82 15.53 -8.22
SE MSE A 30 -19.17 16.45 -7.19
CE MSE A 30 -20.40 15.00 -6.88
N SER A 31 -14.97 15.28 -9.93
CA SER A 31 -14.27 16.50 -10.33
C SER A 31 -15.14 17.66 -9.87
N LEU A 32 -14.73 18.34 -8.80
CA LEU A 32 -15.68 19.14 -8.05
C LEU A 32 -16.23 20.31 -8.85
N GLU A 33 -15.38 21.01 -9.59
CA GLU A 33 -15.85 22.20 -10.29
C GLU A 33 -16.73 21.83 -11.47
N ASN A 34 -16.42 20.75 -12.18
CA ASN A 34 -17.15 20.39 -13.38
C ASN A 34 -18.36 19.52 -13.11
N GLY A 35 -18.26 18.60 -12.14
CA GLY A 35 -19.39 17.80 -11.70
C GLY A 35 -19.41 16.36 -12.16
N ASP A 36 -18.45 15.93 -12.97
CA ASP A 36 -18.42 14.54 -13.39
C ASP A 36 -17.93 13.65 -12.25
N THR A 37 -18.43 12.43 -12.21
CA THR A 37 -18.13 11.51 -11.13
C THR A 37 -17.82 10.12 -11.69
N MSE A 38 -17.14 9.33 -10.88
CA MSE A 38 -16.99 7.91 -11.18
C MSE A 38 -17.11 7.13 -9.87
O MSE A 38 -16.61 7.59 -8.84
CB MSE A 38 -15.64 7.61 -11.84
CG MSE A 38 -15.52 6.17 -12.33
SE MSE A 38 -13.85 5.77 -13.25
CE MSE A 38 -14.17 6.76 -14.90
N THR A 39 -17.77 5.97 -9.90
CA THR A 39 -17.89 5.16 -8.71
C THR A 39 -17.61 3.68 -8.99
N LEU A 40 -17.25 2.98 -7.93
CA LEU A 40 -17.23 1.52 -7.89
C LEU A 40 -17.92 1.14 -6.60
N ASN A 41 -18.99 0.36 -6.71
CA ASN A 41 -19.75 -0.07 -5.53
C ASN A 41 -20.17 1.14 -4.69
N GLY A 42 -20.62 2.19 -5.39
CA GLY A 42 -20.80 3.49 -4.74
C GLY A 42 -21.97 3.54 -3.79
N ASN A 43 -22.87 2.57 -3.86
CA ASN A 43 -24.01 2.49 -2.94
C ASN A 43 -23.86 1.39 -1.91
N ASP A 44 -22.77 0.63 -1.95
CA ASP A 44 -22.55 -0.42 -0.97
C ASP A 44 -22.20 0.22 0.37
N HIS A 45 -22.36 -0.55 1.45
CA HIS A 45 -22.10 -0.05 2.80
C HIS A 45 -20.74 -0.55 3.28
N PHE A 46 -19.99 0.33 3.93
CA PHE A 46 -18.64 0.05 4.41
C PHE A 46 -18.47 0.61 5.80
N PRO A 47 -17.72 -0.05 6.68
CA PRO A 47 -17.42 0.56 7.99
C PRO A 47 -16.55 1.78 7.81
N MSE A 48 -16.91 2.87 8.49
CA MSE A 48 -16.19 4.14 8.33
C MSE A 48 -14.90 4.22 9.13
O MSE A 48 -13.96 4.91 8.72
CB MSE A 48 -17.05 5.32 8.74
CG MSE A 48 -18.08 5.74 7.72
SE MSE A 48 -19.00 7.37 8.19
CE MSE A 48 -20.10 6.61 9.58
N GLN A 49 -14.89 3.55 10.27
CA GLN A 49 -13.85 3.82 11.26
C GLN A 49 -13.70 5.33 11.44
N SER A 50 -12.48 5.84 11.54
CA SER A 50 -12.31 7.25 11.92
C SER A 50 -12.73 8.23 10.84
N VAL A 51 -13.12 7.78 9.65
CA VAL A 51 -13.76 8.70 8.71
C VAL A 51 -14.93 9.41 9.37
N PHE A 52 -15.61 8.78 10.33
CA PHE A 52 -16.77 9.40 10.94
C PHE A 52 -16.44 10.62 11.80
N LYS A 53 -15.15 10.88 12.07
CA LYS A 53 -14.80 12.12 12.75
C LYS A 53 -15.08 13.35 11.89
N VAL A 54 -15.22 13.18 10.57
CA VAL A 54 -15.60 14.31 9.72
C VAL A 54 -17.05 14.71 9.96
N PRO A 55 -18.05 13.83 9.84
CA PRO A 55 -19.42 14.26 10.17
C PRO A 55 -19.56 14.73 11.60
N LEU A 56 -18.81 14.14 12.53
CA LEU A 56 -18.80 14.64 13.90
C LEU A 56 -18.33 16.10 13.92
N ALA A 57 -17.23 16.40 13.23
CA ALA A 57 -16.72 17.76 13.23
C ALA A 57 -17.68 18.74 12.58
N ILE A 58 -18.36 18.33 11.51
CA ILE A 58 -19.36 19.20 10.89
C ILE A 58 -20.47 19.51 11.88
N ALA A 59 -20.94 18.49 12.59
CA ALA A 59 -22.01 18.70 13.57
C ALA A 59 -21.57 19.67 14.67
N VAL A 60 -20.33 19.55 15.14
CA VAL A 60 -19.81 20.46 16.16
C VAL A 60 -19.73 21.88 15.62
N LEU A 61 -19.17 22.03 14.42
CA LEU A 61 -18.99 23.37 13.85
C LEU A 61 -20.32 24.00 13.47
N ASP A 62 -21.33 23.18 13.14
CA ASP A 62 -22.67 23.72 12.93
C ASP A 62 -23.19 24.35 14.21
N GLN A 63 -22.93 23.72 15.36
N GLN A 63 -22.92 23.72 15.35
CA GLN A 63 -23.34 24.32 16.62
CA GLN A 63 -23.33 24.31 16.63
C GLN A 63 -22.56 25.59 16.93
C GLN A 63 -22.55 25.57 16.95
N VAL A 64 -21.29 25.66 16.51
CA VAL A 64 -20.55 26.92 16.64
C VAL A 64 -21.22 28.02 15.82
N ASP A 65 -21.57 27.71 14.57
CA ASP A 65 -22.22 28.70 13.70
C ASP A 65 -23.56 29.15 14.27
N LYS A 66 -24.31 28.22 14.87
N LYS A 66 -24.31 28.23 14.87
CA LYS A 66 -25.63 28.57 15.39
CA LYS A 66 -25.63 28.57 15.41
C LYS A 66 -25.56 29.27 16.75
C LYS A 66 -25.58 29.12 16.82
N GLY A 67 -24.39 29.35 17.37
CA GLY A 67 -24.25 30.05 18.63
C GLY A 67 -24.35 29.21 19.89
N LYS A 68 -24.40 27.89 19.77
CA LYS A 68 -24.44 27.03 20.94
C LYS A 68 -23.07 26.70 21.50
N LEU A 69 -22.05 26.71 20.65
CA LEU A 69 -20.67 26.44 21.03
C LEU A 69 -19.79 27.55 20.50
N SER A 70 -18.58 27.63 21.04
CA SER A 70 -17.57 28.58 20.59
C SER A 70 -16.25 27.83 20.43
N LEU A 71 -15.49 28.13 19.37
CA LEU A 71 -14.20 27.48 19.17
C LEU A 71 -13.23 27.78 20.30
N ASP A 72 -13.40 28.90 20.99
CA ASP A 72 -12.51 29.24 22.07
C ASP A 72 -12.99 28.79 23.43
N GLN A 73 -14.15 28.12 23.52
CA GLN A 73 -14.63 27.71 24.82
C GLN A 73 -13.72 26.62 25.39
N VAL A 74 -13.55 26.65 26.71
CA VAL A 74 -12.60 25.77 27.39
C VAL A 74 -13.29 24.48 27.75
N ILE A 75 -12.71 23.36 27.34
N ILE A 75 -12.72 23.37 27.31
CA ILE A 75 -13.21 22.04 27.69
CA ILE A 75 -13.20 22.03 27.64
C ILE A 75 -12.34 21.50 28.82
C ILE A 75 -12.34 21.53 28.79
N HIS A 76 -12.95 21.28 29.99
N HIS A 76 -12.97 21.27 29.93
CA HIS A 76 -12.26 20.71 31.14
CA HIS A 76 -12.29 20.72 31.08
C HIS A 76 -12.26 19.20 31.00
C HIS A 76 -12.28 19.19 30.93
N ILE A 77 -11.11 18.63 30.65
CA ILE A 77 -10.97 17.20 30.37
C ILE A 77 -10.44 16.52 31.63
N THR A 78 -11.26 15.66 32.23
CA THR A 78 -10.86 14.92 33.41
C THR A 78 -10.14 13.63 33.01
N LYS A 79 -9.35 13.10 33.95
CA LYS A 79 -8.69 11.82 33.71
C LYS A 79 -9.71 10.74 33.37
N LYS A 80 -10.89 10.80 33.99
CA LYS A 80 -11.91 9.78 33.75
C LYS A 80 -12.39 9.76 32.31
N GLU A 81 -12.41 10.93 31.66
CA GLU A 81 -12.80 11.00 30.25
C GLU A 81 -11.71 10.51 29.32
N LEU A 82 -10.48 10.38 29.80
CA LEU A 82 -9.37 9.91 28.98
C LEU A 82 -9.24 8.41 29.19
N LEU A 83 -9.98 7.65 28.40
CA LEU A 83 -9.95 6.21 28.54
C LEU A 83 -8.55 5.70 28.25
N PRO A 84 -8.08 4.70 28.98
CA PRO A 84 -6.78 4.11 28.68
C PRO A 84 -6.87 3.23 27.44
N PHE A 85 -5.70 2.85 26.95
CA PHE A 85 -5.55 1.88 25.86
C PHE A 85 -5.80 2.49 24.48
N THR A 86 -6.88 3.25 24.34
CA THR A 86 -7.32 3.75 23.05
C THR A 86 -6.33 4.80 22.51
N TRP A 87 -6.27 4.92 21.18
CA TRP A 87 -5.39 5.90 20.57
C TRP A 87 -5.81 7.31 20.99
N SER A 88 -4.91 8.02 21.69
CA SER A 88 -5.27 9.33 22.19
C SER A 88 -4.04 10.18 22.48
N PRO A 89 -3.57 10.95 21.51
CA PRO A 89 -2.51 11.92 21.79
C PRO A 89 -2.82 12.86 22.94
N ILE A 90 -4.09 13.20 23.18
CA ILE A 90 -4.43 14.03 24.34
C ILE A 90 -4.04 13.33 25.63
N ARG A 91 -4.43 12.06 25.79
CA ARG A 91 -4.09 11.34 27.01
C ARG A 91 -2.58 11.20 27.16
N GLU A 92 -1.87 10.95 26.07
CA GLU A 92 -0.42 10.77 26.16
C GLU A 92 0.26 12.04 26.63
N LYS A 93 -0.23 13.20 26.21
CA LYS A 93 0.38 14.47 26.61
C LYS A 93 -0.13 14.95 27.96
N TYR A 94 -1.39 14.65 28.28
CA TYR A 94 -2.06 15.13 29.50
C TYR A 94 -2.66 13.95 30.24
N PRO A 95 -1.83 13.05 30.76
CA PRO A 95 -2.36 11.83 31.39
C PRO A 95 -3.22 12.09 32.61
N GLU A 96 -3.14 13.28 33.22
CA GLU A 96 -3.96 13.61 34.38
C GLU A 96 -5.08 14.58 34.05
N GLY A 97 -5.41 14.73 32.78
CA GLY A 97 -6.41 15.69 32.35
C GLY A 97 -5.79 17.06 32.09
N THR A 98 -6.62 17.95 31.53
CA THR A 98 -6.16 19.29 31.16
C THR A 98 -7.37 20.11 30.75
N ASP A 99 -7.13 21.38 30.45
CA ASP A 99 -8.10 22.24 29.81
C ASP A 99 -7.64 22.45 28.38
N LEU A 100 -8.54 22.27 27.41
CA LEU A 100 -8.24 22.55 26.02
C LEU A 100 -9.39 23.35 25.43
N LYS A 101 -9.05 24.27 24.53
CA LYS A 101 -10.09 24.95 23.79
C LYS A 101 -10.78 23.96 22.84
N LEU A 102 -12.04 24.25 22.54
CA LEU A 102 -12.77 23.40 21.60
C LEU A 102 -12.02 23.28 20.27
N ARG A 103 -11.42 24.37 19.79
CA ARG A 103 -10.67 24.27 18.54
C ARG A 103 -9.53 23.27 18.65
N GLU A 104 -8.90 23.18 19.82
CA GLU A 104 -7.79 22.23 20.00
C GLU A 104 -8.28 20.79 20.06
N VAL A 105 -9.42 20.55 20.72
CA VAL A 105 -10.01 19.22 20.73
C VAL A 105 -10.39 18.80 19.32
N LEU A 106 -10.97 19.71 18.54
CA LEU A 106 -11.30 19.40 17.16
C LEU A 106 -10.06 19.04 16.35
N ALA A 107 -8.98 19.80 16.52
CA ALA A 107 -7.74 19.50 15.79
C ALA A 107 -7.19 18.13 16.18
N TYR A 108 -7.13 17.84 17.48
CA TYR A 108 -6.66 16.51 17.90
C TYR A 108 -7.53 15.41 17.31
N THR A 109 -8.85 15.63 17.27
CA THR A 109 -9.76 14.58 16.83
C THR A 109 -9.67 14.37 15.32
N VAL A 110 -9.69 15.45 14.55
CA VAL A 110 -9.71 15.32 13.10
C VAL A 110 -8.30 15.07 12.56
N SER A 111 -7.33 15.89 12.98
CA SER A 111 -5.99 15.81 12.41
C SER A 111 -5.21 14.61 12.92
N GLN A 112 -5.41 14.25 14.19
CA GLN A 112 -4.65 13.17 14.79
C GLN A 112 -5.51 11.98 15.16
N SER A 113 -6.81 12.02 14.85
CA SER A 113 -7.70 10.88 15.04
C SER A 113 -7.84 10.50 16.51
N ASP A 114 -7.78 11.47 17.41
CA ASP A 114 -7.84 11.16 18.83
C ASP A 114 -9.18 10.54 19.19
N ASN A 115 -9.15 9.34 19.79
CA ASN A 115 -10.40 8.67 20.13
C ASN A 115 -11.08 9.26 21.36
N ASN A 116 -10.30 9.73 22.32
CA ASN A 116 -10.91 10.40 23.47
C ASN A 116 -11.45 11.76 23.07
N GLY A 117 -10.71 12.50 22.22
CA GLY A 117 -11.26 13.74 21.70
C GLY A 117 -12.58 13.51 20.99
N CYS A 118 -12.65 12.44 20.22
CA CYS A 118 -13.89 12.08 19.53
C CYS A 118 -15.02 11.92 20.53
N ASP A 119 -14.81 11.13 21.57
CA ASP A 119 -15.91 10.87 22.50
C ASP A 119 -16.27 12.11 23.32
N ILE A 120 -15.27 12.96 23.60
CA ILE A 120 -15.57 14.22 24.28
C ILE A 120 -16.47 15.09 23.40
N LEU A 121 -16.17 15.14 22.10
CA LEU A 121 -16.98 15.95 21.20
C LEU A 121 -18.38 15.39 21.05
N PHE A 122 -18.51 14.05 20.91
CA PHE A 122 -19.84 13.46 20.85
C PHE A 122 -20.65 13.84 22.08
N ASN A 123 -20.05 13.74 23.25
CA ASN A 123 -20.78 14.07 24.47
C ASN A 123 -21.17 15.55 24.48
N LEU A 124 -20.29 16.42 23.99
CA LEU A 124 -20.56 17.85 24.00
C LEU A 124 -21.76 18.23 23.15
N VAL A 125 -21.99 17.52 22.03
CA VAL A 125 -23.08 17.88 21.12
C VAL A 125 -24.36 17.12 21.38
N GLY A 126 -24.36 16.16 22.28
CA GLY A 126 -25.56 15.41 22.60
C GLY A 126 -25.54 13.95 22.18
N GLY A 127 -24.40 13.43 21.73
CA GLY A 127 -24.24 12.01 21.51
C GLY A 127 -24.31 11.62 20.05
N THR A 128 -24.06 10.33 19.82
CA THR A 128 -24.11 9.80 18.46
C THR A 128 -25.50 9.98 17.85
N ALA A 129 -26.56 9.86 18.66
CA ALA A 129 -27.90 9.98 18.10
C ALA A 129 -28.13 11.38 17.55
N TYR A 130 -27.62 12.39 18.23
CA TYR A 130 -27.75 13.76 17.73
C TYR A 130 -26.98 13.92 16.42
N VAL A 131 -25.72 13.46 16.38
CA VAL A 131 -24.93 13.65 15.17
C VAL A 131 -25.58 12.93 14.00
N GLU A 132 -26.09 11.72 14.24
CA GLU A 132 -26.72 10.96 13.18
C GLU A 132 -27.92 11.70 12.60
N GLN A 133 -28.81 12.20 13.47
CA GLN A 133 -29.99 12.89 12.95
C GLN A 133 -29.59 14.19 12.24
N TYR A 134 -28.55 14.85 12.71
CA TYR A 134 -28.09 16.07 12.04
C TYR A 134 -27.60 15.76 10.63
N ILE A 135 -26.79 14.71 10.50
CA ILE A 135 -26.27 14.33 9.18
C ILE A 135 -27.40 13.91 8.25
N HIS A 136 -28.35 13.14 8.77
CA HIS A 136 -29.50 12.78 7.95
C HIS A 136 -30.29 14.00 7.55
N GLY A 137 -30.41 14.99 8.44
CA GLY A 137 -31.10 16.23 8.10
C GLY A 137 -30.44 16.98 6.96
N LEU A 138 -29.13 16.78 6.78
CA LEU A 138 -28.41 17.35 5.64
C LEU A 138 -28.72 16.66 4.33
N GLY A 139 -29.48 15.57 4.36
CA GLY A 139 -29.77 14.82 3.16
C GLY A 139 -28.81 13.69 2.90
N VAL A 140 -27.92 13.38 3.84
CA VAL A 140 -26.96 12.30 3.68
C VAL A 140 -27.61 11.06 4.29
N ASP A 141 -28.30 10.29 3.44
CA ASP A 141 -29.13 9.19 3.96
C ASP A 141 -28.32 7.91 4.17
N SER A 142 -27.35 7.63 3.31
CA SER A 142 -26.67 6.34 3.30
C SER A 142 -25.44 6.34 4.21
N MSE A 143 -25.71 6.66 5.47
CA MSE A 143 -24.70 6.65 6.51
C MSE A 143 -25.42 6.39 7.80
O MSE A 143 -26.58 6.76 7.96
CB MSE A 143 -24.03 8.03 6.56
CG MSE A 143 -22.86 8.14 7.53
SE MSE A 143 -21.96 9.84 7.46
CE MSE A 143 -21.14 9.65 5.67
N ALA A 144 -24.74 5.73 8.74
CA ALA A 144 -25.26 5.52 10.08
C ALA A 144 -24.15 5.81 11.07
N ILE A 145 -24.50 6.47 12.17
CA ILE A 145 -23.57 6.80 13.22
C ILE A 145 -24.24 6.34 14.51
N LYS A 146 -23.77 5.21 15.05
CA LYS A 146 -24.41 4.55 16.17
C LYS A 146 -23.52 4.39 17.38
N ALA A 147 -22.20 4.40 17.21
CA ALA A 147 -21.28 4.02 18.27
C ALA A 147 -20.18 5.06 18.35
N ASN A 148 -19.85 5.47 19.58
CA ASN A 148 -18.65 6.25 19.78
C ASN A 148 -17.44 5.32 19.86
N GLU A 149 -16.26 5.88 20.11
CA GLU A 149 -15.07 5.04 20.09
C GLU A 149 -15.06 4.05 21.23
N GLU A 150 -15.52 4.47 22.42
CA GLU A 150 -15.61 3.53 23.54
C GLU A 150 -16.47 2.34 23.18
N ARG A 151 -17.65 2.57 22.60
CA ARG A 151 -18.50 1.45 22.24
C ARG A 151 -17.92 0.63 21.09
N MSE A 152 -17.24 1.27 20.15
N MSE A 152 -17.24 1.27 20.16
CA MSE A 152 -16.63 0.53 19.05
CA MSE A 152 -16.62 0.54 19.05
C MSE A 152 -15.59 -0.46 19.55
C MSE A 152 -15.56 -0.43 19.53
O MSE A 152 -15.45 -1.55 19.03
O MSE A 152 -15.40 -1.51 18.97
CB MSE A 152 -15.98 1.47 18.06
CB MSE A 152 -15.98 1.51 18.06
CG MSE A 152 -16.93 2.07 17.06
CG MSE A 152 -16.98 2.34 17.28
SE MSE A 152 -16.01 2.31 15.37
SE MSE A 152 -16.03 3.69 16.26
CE MSE A 152 -14.20 2.52 16.05
CE MSE A 152 -14.81 2.50 15.31
N ALA A 153 -14.83 -0.04 20.58
CA ALA A 153 -13.80 -0.92 21.11
C ALA A 153 -14.37 -2.12 21.85
N SER A 154 -15.64 -2.07 22.25
CA SER A 154 -16.18 -3.13 23.12
C SER A 154 -16.35 -4.45 22.36
N ALA A 155 -16.52 -4.42 21.05
CA ALA A 155 -16.69 -5.64 20.28
C ALA A 155 -16.41 -5.37 18.80
N TRP A 156 -15.82 -6.37 18.15
CA TRP A 156 -15.39 -6.22 16.75
C TRP A 156 -16.52 -5.75 15.84
N LYS A 157 -17.72 -6.31 15.99
CA LYS A 157 -18.80 -6.03 15.05
C LYS A 157 -19.32 -4.61 15.14
N VAL A 158 -19.05 -3.89 16.23
CA VAL A 158 -19.69 -2.59 16.43
C VAL A 158 -19.30 -1.61 15.33
N GLN A 159 -18.07 -1.68 14.83
CA GLN A 159 -17.64 -0.75 13.79
C GLN A 159 -18.55 -0.81 12.56
N TYR A 160 -19.16 -1.96 12.27
CA TYR A 160 -20.00 -2.07 11.08
C TYR A 160 -21.30 -1.30 11.23
N THR A 161 -21.67 -0.92 12.46
CA THR A 161 -22.86 -0.09 12.65
C THR A 161 -22.61 1.38 12.33
N ASN A 162 -21.34 1.79 12.23
CA ASN A 162 -20.98 3.14 11.77
C ASN A 162 -20.54 2.98 10.32
N TRP A 163 -21.52 2.93 9.42
CA TRP A 163 -21.23 2.62 8.03
C TRP A 163 -21.57 3.81 7.14
N SER A 164 -20.99 3.79 5.95
CA SER A 164 -21.31 4.77 4.93
C SER A 164 -21.19 4.11 3.57
N SER A 165 -21.93 4.62 2.59
CA SER A 165 -21.58 4.30 1.23
C SER A 165 -20.50 5.25 0.76
N PRO A 166 -19.75 4.89 -0.28
CA PRO A 166 -18.81 5.85 -0.85
C PRO A 166 -19.48 7.15 -1.27
N LEU A 167 -20.67 7.07 -1.86
CA LEU A 167 -21.37 8.27 -2.28
C LEU A 167 -21.80 9.12 -1.10
N ALA A 168 -22.22 8.51 0.02
CA ALA A 168 -22.60 9.32 1.17
C ALA A 168 -21.43 10.14 1.70
N THR A 169 -20.26 9.54 1.78
CA THR A 169 -19.08 10.30 2.18
C THR A 169 -18.71 11.34 1.11
N LEU A 170 -18.85 11.00 -0.17
CA LEU A 170 -18.64 11.97 -1.23
C LEU A 170 -19.56 13.18 -1.06
N GLN A 171 -20.83 12.93 -0.72
N GLN A 171 -20.81 12.94 -0.65
CA GLN A 171 -21.77 14.03 -0.45
CA GLN A 171 -21.76 14.03 -0.47
C GLN A 171 -21.17 15.00 0.54
C GLN A 171 -21.30 15.00 0.61
N LEU A 172 -20.68 14.48 1.67
CA LEU A 172 -20.12 15.36 2.69
C LEU A 172 -18.92 16.12 2.17
N LEU A 173 -18.05 15.47 1.40
CA LEU A 173 -16.90 16.16 0.84
C LEU A 173 -17.33 17.29 -0.09
N LYS A 174 -18.32 17.04 -0.96
CA LYS A 174 -18.84 18.09 -1.83
C LYS A 174 -19.40 19.25 -1.01
N GLY A 175 -20.12 18.93 0.07
CA GLY A 175 -20.68 19.97 0.92
C GLY A 175 -19.62 20.77 1.65
N ILE A 176 -18.53 20.10 2.05
CA ILE A 176 -17.40 20.83 2.63
C ILE A 176 -16.78 21.74 1.59
N HIS A 177 -16.51 21.19 0.40
CA HIS A 177 -15.84 21.96 -0.64
C HIS A 177 -16.61 23.24 -0.97
N THR A 178 -17.94 23.16 -1.03
CA THR A 178 -18.76 24.29 -1.43
C THR A 178 -19.25 25.13 -0.27
N GLY A 179 -18.91 24.80 0.96
CA GLY A 179 -19.39 25.58 2.10
C GLY A 179 -20.88 25.47 2.32
N LYS A 180 -21.46 24.32 1.96
CA LYS A 180 -22.91 24.14 2.04
C LYS A 180 -23.41 24.05 3.47
N TYR A 181 -22.59 23.56 4.40
CA TYR A 181 -23.04 23.24 5.74
C TYR A 181 -22.59 24.23 6.79
N LEU A 182 -21.53 24.98 6.50
CA LEU A 182 -20.80 25.72 7.52
C LEU A 182 -20.49 27.12 7.01
N SER A 183 -20.43 28.07 7.94
CA SER A 183 -19.98 29.41 7.65
C SER A 183 -18.56 29.37 7.07
N LYS A 184 -18.18 30.45 6.40
CA LYS A 184 -16.82 30.50 5.84
C LYS A 184 -15.77 30.26 6.92
N ALA A 185 -15.93 30.88 8.09
CA ALA A 185 -14.93 30.72 9.15
C ALA A 185 -14.87 29.28 9.64
N SER A 186 -16.03 28.66 9.88
CA SER A 186 -16.01 27.29 10.38
C SER A 186 -15.57 26.31 9.30
N ASN A 187 -15.97 26.57 8.06
CA ASN A 187 -15.57 25.69 6.96
C ASN A 187 -14.07 25.80 6.70
N ASP A 188 -13.54 27.02 6.75
CA ASP A 188 -12.10 27.21 6.59
C ASP A 188 -11.35 26.46 7.68
N PHE A 189 -11.86 26.50 8.92
CA PHE A 189 -11.19 25.80 10.01
C PHE A 189 -11.21 24.30 9.80
N LEU A 190 -12.36 23.75 9.37
CA LEU A 190 -12.44 22.32 9.08
C LEU A 190 -11.43 21.92 8.01
N LEU A 191 -11.34 22.70 6.93
CA LEU A 191 -10.39 22.39 5.88
C LEU A 191 -8.97 22.47 6.40
N LYS A 192 -8.68 23.46 7.25
CA LYS A 192 -7.35 23.60 7.81
C LYS A 192 -6.95 22.35 8.59
N ILE A 193 -7.82 21.88 9.49
CA ILE A 193 -7.45 20.72 10.30
C ILE A 193 -7.43 19.43 9.46
N MSE A 194 -8.20 19.37 8.37
CA MSE A 194 -8.15 18.19 7.50
C MSE A 194 -6.89 18.19 6.63
O MSE A 194 -6.44 17.14 6.18
CB MSE A 194 -9.39 18.12 6.60
CG MSE A 194 -10.63 17.80 7.38
SE MSE A 194 -12.24 17.71 6.27
CE MSE A 194 -11.86 16.10 5.23
N LYS A 195 -6.31 19.38 6.39
CA LYS A 195 -5.06 19.47 5.65
C LYS A 195 -3.87 19.22 6.55
N GLU A 196 -3.95 19.64 7.81
CA GLU A 196 -2.83 19.58 8.75
C GLU A 196 -2.83 18.25 9.51
N THR A 197 -2.80 17.19 8.73
CA THR A 197 -2.67 15.84 9.26
C THR A 197 -1.50 15.16 8.57
N THR A 198 -0.83 14.29 9.31
CA THR A 198 0.20 13.42 8.73
C THR A 198 -0.26 11.97 8.67
N THR A 199 -1.53 11.71 8.98
CA THR A 199 -2.04 10.35 8.87
C THR A 199 -2.13 9.92 7.42
N GLY A 200 -2.09 8.61 7.23
CA GLY A 200 -2.23 7.99 5.93
C GLY A 200 -1.28 8.47 4.84
N PRO A 201 0.01 8.60 5.14
CA PRO A 201 0.94 9.02 4.08
C PRO A 201 1.00 8.07 2.90
N LYS A 202 0.57 6.82 3.08
CA LYS A 202 0.59 5.84 2.02
C LYS A 202 -0.79 5.63 1.39
N ARG A 203 -1.77 6.46 1.75
CA ARG A 203 -3.11 6.29 1.23
C ARG A 203 -3.39 7.29 0.10
N LEU A 204 -4.31 8.25 0.29
CA LEU A 204 -4.50 9.24 -0.78
C LEU A 204 -3.17 9.85 -1.20
N ARG A 205 -2.31 10.15 -0.22
CA ARG A 205 -1.03 10.82 -0.46
C ARG A 205 0.06 9.89 -0.97
N GLY A 206 -0.19 8.58 -1.04
CA GLY A 206 0.91 7.65 -1.23
C GLY A 206 1.69 7.87 -2.51
N MSE A 207 1.00 8.21 -3.59
N MSE A 207 0.99 8.20 -3.59
CA MSE A 207 1.65 8.39 -4.88
CA MSE A 207 1.64 8.34 -4.89
C MSE A 207 1.33 9.74 -5.50
C MSE A 207 1.52 9.76 -5.45
O MSE A 207 1.45 9.91 -6.72
O MSE A 207 1.99 10.03 -6.56
CB MSE A 207 1.27 7.27 -5.82
CB MSE A 207 1.08 7.32 -5.88
CG MSE A 207 1.86 5.94 -5.42
CG MSE A 207 1.48 5.89 -5.60
SE MSE A 207 1.28 4.57 -6.64
SE MSE A 207 3.29 5.51 -6.20
CE MSE A 207 1.68 5.47 -8.31
CE MSE A 207 3.07 5.82 -8.11
N LEU A 208 0.90 10.67 -4.67
CA LEU A 208 0.75 12.04 -5.13
C LEU A 208 2.02 12.80 -4.81
N PRO A 209 2.29 13.89 -5.54
CA PRO A 209 3.42 14.75 -5.16
C PRO A 209 3.32 15.12 -3.69
N ALA A 210 4.47 15.12 -3.01
CA ALA A 210 4.48 15.35 -1.57
C ALA A 210 3.91 16.71 -1.20
N ASP A 211 4.03 17.70 -2.08
CA ASP A 211 3.53 19.04 -1.78
C ASP A 211 2.10 19.26 -2.26
N ALA A 212 1.42 18.21 -2.72
CA ALA A 212 0.02 18.33 -3.06
C ALA A 212 -0.78 18.69 -1.81
N VAL A 213 -1.80 19.52 -1.99
CA VAL A 213 -2.69 19.91 -0.90
C VAL A 213 -3.83 18.89 -0.85
N VAL A 214 -4.01 18.25 0.30
CA VAL A 214 -5.00 17.18 0.47
C VAL A 214 -5.67 17.39 1.82
N ALA A 215 -6.97 17.68 1.80
CA ALA A 215 -7.77 17.78 3.02
C ALA A 215 -8.47 16.44 3.17
N HIS A 216 -8.11 15.64 4.18
CA HIS A 216 -8.63 14.28 4.20
C HIS A 216 -8.77 13.75 5.63
N LYS A 217 -9.41 12.59 5.73
CA LYS A 217 -9.52 11.86 6.99
C LYS A 217 -9.41 10.38 6.69
N THR A 218 -8.54 9.70 7.44
CA THR A 218 -8.32 8.27 7.32
C THR A 218 -9.22 7.51 8.29
N GLY A 219 -9.38 6.22 8.02
CA GLY A 219 -10.01 5.32 8.96
C GLY A 219 -9.36 3.96 8.86
N SER A 220 -9.17 3.29 10.00
CA SER A 220 -8.46 2.02 10.03
C SER A 220 -9.04 1.16 11.13
N SER A 221 -9.27 -0.11 10.83
CA SER A 221 -9.55 -1.08 11.88
C SER A 221 -8.29 -1.88 12.19
N ASP A 222 -8.37 -2.65 13.26
CA ASP A 222 -7.40 -3.70 13.50
C ASP A 222 -7.61 -4.84 12.51
N THR A 223 -6.75 -5.85 12.60
CA THR A 223 -6.86 -7.05 11.77
C THR A 223 -7.19 -8.20 12.70
N LYS A 224 -8.37 -8.79 12.52
CA LYS A 224 -8.88 -9.83 13.40
C LYS A 224 -9.18 -11.08 12.58
N ASP A 225 -8.62 -12.21 13.01
CA ASP A 225 -8.75 -13.47 12.26
C ASP A 225 -8.29 -13.28 10.81
N GLY A 226 -7.28 -12.43 10.63
CA GLY A 226 -6.72 -12.14 9.33
C GLY A 226 -7.49 -11.13 8.53
N LEU A 227 -8.68 -10.74 8.97
CA LEU A 227 -9.54 -9.83 8.21
C LEU A 227 -9.39 -8.41 8.73
N THR A 228 -9.13 -7.47 7.83
CA THR A 228 -9.11 -6.06 8.19
C THR A 228 -10.44 -5.46 7.72
N ALA A 229 -11.26 -5.03 8.67
CA ALA A 229 -12.59 -4.51 8.35
C ALA A 229 -12.51 -3.24 7.52
N ALA A 230 -11.59 -2.33 7.85
CA ALA A 230 -11.59 -1.02 7.20
C ALA A 230 -10.17 -0.50 7.00
N THR A 231 -9.90 -0.05 5.77
CA THR A 231 -8.70 0.72 5.45
C THR A 231 -9.20 1.78 4.48
N ASN A 232 -9.40 3.00 4.99
CA ASN A 232 -10.15 4.04 4.29
C ASN A 232 -9.34 5.33 4.22
N ASP A 233 -9.62 6.12 3.19
CA ASP A 233 -9.16 7.50 3.16
C ASP A 233 -10.14 8.25 2.27
N ALA A 234 -10.50 9.47 2.68
CA ALA A 234 -11.47 10.27 1.96
C ALA A 234 -11.05 11.72 2.06
N GLY A 235 -11.07 12.43 0.94
CA GLY A 235 -10.62 13.80 1.04
C GLY A 235 -10.79 14.59 -0.24
N ILE A 236 -10.33 15.84 -0.19
CA ILE A 236 -10.37 16.78 -1.29
C ILE A 236 -8.94 17.07 -1.68
N VAL A 237 -8.60 16.81 -2.93
CA VAL A 237 -7.25 16.99 -3.46
C VAL A 237 -7.24 18.21 -4.38
N THR A 238 -6.28 19.11 -4.18
CA THR A 238 -6.14 20.25 -5.09
C THR A 238 -5.19 19.86 -6.22
N LEU A 239 -5.66 20.01 -7.45
CA LEU A 239 -4.85 19.69 -8.62
C LEU A 239 -3.94 20.85 -8.98
N PRO A 240 -2.89 20.60 -9.76
CA PRO A 240 -2.01 21.69 -10.18
C PRO A 240 -2.72 22.82 -10.88
N ASP A 241 -3.81 22.55 -11.60
CA ASP A 241 -4.52 23.62 -12.29
C ASP A 241 -5.44 24.41 -11.37
N GLY A 242 -5.48 24.07 -10.09
CA GLY A 242 -6.28 24.80 -9.12
C GLY A 242 -7.68 24.24 -8.90
N SER A 243 -8.14 23.33 -9.76
CA SER A 243 -9.41 22.66 -9.52
C SER A 243 -9.19 21.55 -8.50
N HIS A 244 -10.28 20.88 -8.13
CA HIS A 244 -10.24 19.95 -7.01
C HIS A 244 -10.93 18.64 -7.37
N LEU A 245 -10.43 17.56 -6.78
CA LEU A 245 -11.08 16.26 -6.84
C LEU A 245 -11.52 15.84 -5.44
N ALA A 246 -12.74 15.33 -5.32
CA ALA A 246 -13.15 14.65 -4.11
C ALA A 246 -12.98 13.16 -4.36
N ILE A 247 -12.29 12.47 -3.45
CA ILE A 247 -11.95 11.07 -3.63
C ILE A 247 -12.23 10.32 -2.35
N VAL A 248 -13.02 9.25 -2.45
CA VAL A 248 -13.33 8.34 -1.35
C VAL A 248 -12.89 6.95 -1.78
N VAL A 249 -12.04 6.31 -0.97
CA VAL A 249 -11.71 4.90 -1.19
C VAL A 249 -11.86 4.16 0.13
N PHE A 250 -12.76 3.19 0.15
CA PHE A 250 -12.96 2.30 1.28
C PHE A 250 -12.53 0.91 0.86
N VAL A 251 -11.53 0.36 1.55
CA VAL A 251 -11.07 -1.01 1.33
C VAL A 251 -11.47 -1.82 2.55
N SER A 252 -12.36 -2.78 2.37
CA SER A 252 -13.02 -3.42 3.50
C SER A 252 -13.00 -4.93 3.36
N ASP A 253 -12.99 -5.60 4.52
CA ASP A 253 -13.28 -7.04 4.60
C ASP A 253 -12.33 -7.83 3.71
N THR A 254 -11.04 -7.56 3.87
CA THR A 254 -10.02 -8.22 3.09
C THR A 254 -8.99 -8.84 4.01
N LYS A 255 -8.38 -9.91 3.53
CA LYS A 255 -7.33 -10.61 4.24
C LYS A 255 -5.93 -10.23 3.74
N VAL A 256 -5.84 -9.36 2.73
CA VAL A 256 -4.51 -8.98 2.23
C VAL A 256 -3.83 -8.03 3.22
N ASN A 257 -2.52 -7.90 3.07
CA ASN A 257 -1.72 -7.15 4.01
C ASN A 257 -1.86 -5.64 3.81
N GLU A 258 -1.23 -4.89 4.73
CA GLU A 258 -1.40 -3.45 4.77
C GLU A 258 -0.85 -2.78 3.52
N ALA A 259 0.30 -3.25 3.04
CA ALA A 259 0.87 -2.64 1.84
C ALA A 259 -0.08 -2.76 0.66
N ILE A 260 -0.71 -3.92 0.50
CA ILE A 260 -1.64 -4.10 -0.60
C ILE A 260 -2.89 -3.24 -0.40
N ARG A 261 -3.43 -3.21 0.83
CA ARG A 261 -4.64 -2.42 1.08
C ARG A 261 -4.40 -0.94 0.83
N GLU A 262 -3.34 -0.38 1.41
CA GLU A 262 -3.06 1.04 1.21
C GLU A 262 -2.69 1.32 -0.23
N GLY A 263 -2.03 0.39 -0.90
CA GLY A 263 -1.65 0.60 -2.28
C GLY A 263 -2.86 0.75 -3.18
N VAL A 264 -3.96 0.07 -2.86
CA VAL A 264 -5.19 0.26 -3.62
C VAL A 264 -5.61 1.72 -3.58
N ILE A 265 -5.61 2.32 -2.38
CA ILE A 265 -6.00 3.72 -2.24
C ILE A 265 -5.03 4.61 -3.00
N ALA A 266 -3.74 4.39 -2.80
CA ALA A 266 -2.73 5.27 -3.40
C ALA A 266 -2.78 5.19 -4.92
N ARG A 267 -2.88 3.98 -5.48
CA ARG A 267 -2.83 3.87 -6.93
C ARG A 267 -4.10 4.41 -7.57
N ILE A 268 -5.26 4.17 -6.97
CA ILE A 268 -6.49 4.76 -7.49
C ILE A 268 -6.42 6.28 -7.45
N THR A 269 -5.91 6.84 -6.36
CA THR A 269 -5.85 8.29 -6.24
C THR A 269 -4.92 8.90 -7.30
N ARG A 270 -3.76 8.29 -7.51
CA ARG A 270 -2.85 8.84 -8.51
C ARG A 270 -3.40 8.65 -9.92
N LEU A 271 -4.16 7.59 -10.14
CA LEU A 271 -4.84 7.40 -11.42
C LEU A 271 -5.76 8.58 -11.73
N PHE A 272 -6.56 9.00 -10.74
CA PHE A 272 -7.46 10.12 -10.96
C PHE A 272 -6.68 11.43 -11.14
N TRP A 273 -5.62 11.62 -10.35
CA TRP A 273 -4.76 12.79 -10.52
C TRP A 273 -4.20 12.86 -11.94
N ASP A 274 -3.70 11.71 -12.45
CA ASP A 274 -3.11 11.68 -13.78
C ASP A 274 -4.17 11.82 -14.87
N ALA A 275 -5.40 11.40 -14.60
CA ALA A 275 -6.47 11.45 -15.58
C ALA A 275 -7.09 12.83 -15.70
N ALA A 276 -6.79 13.73 -14.77
CA ALA A 276 -7.29 15.09 -14.85
C ALA A 276 -6.48 15.88 -15.87
N ASN A 277 -7.17 16.75 -16.61
CA ASN A 277 -6.48 17.56 -17.62
C ASN A 277 -6.60 19.05 -17.30
N ASN B 8 7.26 -37.07 -9.45
CA ASN B 8 6.42 -37.82 -10.38
C ASN B 8 5.19 -37.02 -10.78
N ASN B 9 4.14 -37.11 -9.97
CA ASN B 9 2.89 -36.41 -10.28
C ASN B 9 3.13 -34.90 -10.33
N THR B 10 3.79 -34.35 -9.31
CA THR B 10 4.08 -32.91 -9.30
C THR B 10 4.98 -32.51 -10.45
N ARG B 11 6.00 -33.33 -10.73
CA ARG B 11 6.91 -33.01 -11.85
C ARG B 11 6.16 -33.03 -13.17
N GLN B 12 5.25 -33.98 -13.36
CA GLN B 12 4.48 -34.02 -14.60
C GLN B 12 3.57 -32.81 -14.71
N LYS B 13 2.96 -32.40 -13.60
CA LYS B 13 2.05 -31.27 -13.63
C LYS B 13 2.79 -29.97 -13.88
N VAL B 14 4.03 -29.83 -13.36
CA VAL B 14 4.83 -28.65 -13.68
C VAL B 14 5.07 -28.57 -15.18
N ASN B 15 5.40 -29.72 -15.80
CA ASN B 15 5.63 -29.72 -17.24
C ASN B 15 4.37 -29.34 -18.00
N GLU B 16 3.22 -29.86 -17.57
CA GLU B 16 1.96 -29.53 -18.23
C GLU B 16 1.70 -28.04 -18.19
N ILE B 17 1.94 -27.41 -17.03
CA ILE B 17 1.72 -25.98 -16.91
C ILE B 17 2.75 -25.21 -17.73
N ALA B 18 4.02 -25.56 -17.59
CA ALA B 18 5.07 -24.86 -18.33
C ALA B 18 4.84 -24.95 -19.84
N ALA B 19 4.29 -26.07 -20.31
CA ALA B 19 4.07 -26.25 -21.75
C ALA B 19 3.09 -25.22 -22.31
N THR B 20 2.17 -24.72 -21.49
CA THR B 20 1.20 -23.75 -22.00
C THR B 20 1.87 -22.43 -22.38
N ALA B 21 3.04 -22.13 -21.84
CA ALA B 21 3.75 -20.93 -22.25
C ALA B 21 4.63 -21.15 -23.46
N ARG B 22 4.93 -22.41 -23.76
CA ARG B 22 6.05 -22.75 -24.62
C ARG B 22 7.24 -21.88 -24.21
N GLY B 23 8.03 -21.41 -25.17
CA GLY B 23 9.14 -20.57 -24.76
C GLY B 23 10.09 -21.32 -23.84
N HIS B 24 10.63 -20.60 -22.86
CA HIS B 24 11.69 -21.10 -22.00
C HIS B 24 11.27 -20.87 -20.56
N VAL B 25 10.89 -21.93 -19.86
CA VAL B 25 10.39 -21.82 -18.49
C VAL B 25 11.38 -22.47 -17.54
N GLY B 26 11.71 -21.76 -16.46
CA GLY B 26 12.58 -22.28 -15.44
C GLY B 26 11.86 -22.29 -14.11
N VAL B 27 11.98 -23.39 -13.37
CA VAL B 27 11.32 -23.53 -12.08
C VAL B 27 12.34 -24.09 -11.10
N ALA B 28 12.36 -23.54 -9.90
CA ALA B 28 13.10 -24.16 -8.81
C ALA B 28 12.28 -24.00 -7.55
N MSE B 29 12.18 -25.06 -6.77
N MSE B 29 12.19 -25.07 -6.76
CA MSE B 29 11.55 -24.92 -5.48
CA MSE B 29 11.43 -25.02 -5.51
C MSE B 29 12.32 -25.70 -4.44
C MSE B 29 12.16 -25.80 -4.43
O MSE B 29 13.10 -26.60 -4.77
O MSE B 29 12.75 -26.85 -4.71
CB MSE B 29 10.07 -25.34 -5.53
CB MSE B 29 10.03 -25.61 -5.72
CG MSE B 29 9.81 -26.80 -5.82
CG MSE B 29 9.15 -25.66 -4.46
SE MSE B 29 10.06 -27.93 -4.26
SE MSE B 29 9.38 -27.22 -3.31
CE MSE B 29 8.79 -27.11 -3.05
CE MSE B 29 8.62 -28.59 -4.47
N MSE B 30 12.13 -25.30 -3.20
CA MSE B 30 12.67 -26.06 -2.07
C MSE B 30 11.68 -26.00 -0.94
O MSE B 30 11.14 -24.94 -0.62
CB MSE B 30 13.98 -25.45 -1.58
CG MSE B 30 14.52 -26.15 -0.34
SE MSE B 30 16.26 -25.48 0.23
CE MSE B 30 16.67 -24.55 -1.41
N SER B 31 11.43 -27.16 -0.33
N SER B 31 11.41 -27.16 -0.31
CA SER B 31 10.78 -27.22 0.98
CA SER B 31 10.73 -27.17 0.98
C SER B 31 11.86 -26.88 2.00
C SER B 31 11.80 -26.90 2.03
N LEU B 32 11.79 -25.68 2.59
CA LEU B 32 12.96 -25.14 3.27
C LEU B 32 13.34 -25.93 4.52
N GLU B 33 12.35 -26.44 5.26
CA GLU B 33 12.65 -27.09 6.52
C GLU B 33 13.28 -28.47 6.33
N ASN B 34 13.01 -29.16 5.23
N ASN B 34 12.99 -29.12 5.21
CA ASN B 34 13.64 -30.45 5.00
CA ASN B 34 13.49 -30.45 4.90
C ASN B 34 14.67 -30.44 3.89
C ASN B 34 14.62 -30.45 3.87
N GLY B 35 14.69 -29.43 3.04
CA GLY B 35 15.70 -29.30 2.02
C GLY B 35 15.38 -29.97 0.69
N ASP B 36 14.24 -30.63 0.56
CA ASP B 36 13.88 -31.28 -0.70
C ASP B 36 13.67 -30.22 -1.77
N THR B 37 14.05 -30.55 -3.01
CA THR B 37 13.99 -29.61 -4.11
C THR B 37 13.38 -30.26 -5.35
N MSE B 38 12.95 -29.40 -6.25
N MSE B 38 12.91 -29.40 -6.25
CA MSE B 38 12.45 -29.80 -7.55
CA MSE B 38 12.47 -29.84 -7.57
C MSE B 38 12.82 -28.68 -8.52
C MSE B 38 12.75 -28.70 -8.54
O MSE B 38 12.75 -27.51 -8.15
O MSE B 38 12.55 -27.52 -8.21
CB MSE B 38 10.93 -29.98 -7.50
CB MSE B 38 10.99 -30.21 -7.59
CG MSE B 38 10.29 -30.31 -8.84
CG MSE B 38 10.50 -30.72 -8.95
SE MSE B 38 9.90 -28.73 -9.91
SE MSE B 38 8.60 -31.23 -9.02
CE MSE B 38 9.52 -29.64 -11.59
CE MSE B 38 8.66 -32.80 -7.86
N THR B 39 13.23 -29.03 -9.73
CA THR B 39 13.57 -28.02 -10.73
C THR B 39 13.10 -28.43 -12.11
N LEU B 40 12.87 -27.42 -12.94
CA LEU B 40 12.72 -27.56 -14.38
C LEU B 40 13.68 -26.57 -15.01
N ASN B 41 14.60 -27.08 -15.82
CA ASN B 41 15.61 -26.22 -16.44
C ASN B 41 16.38 -25.44 -15.38
N GLY B 42 16.69 -26.12 -14.27
CA GLY B 42 17.23 -25.47 -13.10
C GLY B 42 18.59 -24.82 -13.29
N ASN B 43 19.34 -25.24 -14.30
CA ASN B 43 20.65 -24.69 -14.59
C ASN B 43 20.67 -23.75 -15.79
N ASP B 44 19.55 -23.60 -16.49
CA ASP B 44 19.51 -22.71 -17.64
C ASP B 44 19.56 -21.25 -17.17
N HIS B 45 19.94 -20.37 -18.09
CA HIS B 45 20.09 -18.95 -17.78
C HIS B 45 18.86 -18.20 -18.26
N PHE B 46 18.31 -17.34 -17.39
CA PHE B 46 17.09 -16.59 -17.69
C PHE B 46 17.32 -15.12 -17.38
N PRO B 47 16.73 -14.21 -18.15
CA PRO B 47 16.83 -12.79 -17.80
C PRO B 47 16.04 -12.53 -16.51
N MSE B 48 16.68 -11.85 -15.57
CA MSE B 48 16.05 -11.63 -14.25
C MSE B 48 15.02 -10.52 -14.22
O MSE B 48 14.09 -10.55 -13.41
CB MSE B 48 17.11 -11.32 -13.18
CG MSE B 48 17.86 -12.53 -12.69
SE MSE B 48 19.07 -12.08 -11.23
CE MSE B 48 20.43 -11.12 -12.22
N GLN B 49 15.23 -9.51 -15.06
CA GLN B 49 14.54 -8.25 -14.89
C GLN B 49 14.58 -7.84 -13.42
N SER B 50 13.47 -7.37 -12.85
CA SER B 50 13.60 -6.75 -11.53
C SER B 50 13.81 -7.75 -10.41
N VAL B 51 13.85 -9.05 -10.70
CA VAL B 51 14.26 -9.99 -9.65
C VAL B 51 15.65 -9.63 -9.13
N PHE B 52 16.48 -8.99 -9.97
CA PHE B 52 17.82 -8.63 -9.51
C PHE B 52 17.83 -7.56 -8.43
N LYS B 53 16.69 -6.95 -8.11
CA LYS B 53 16.67 -6.03 -6.99
C LYS B 53 16.82 -6.76 -5.66
N VAL B 54 16.57 -8.08 -5.63
CA VAL B 54 16.83 -8.87 -4.42
C VAL B 54 18.33 -8.99 -4.15
N PRO B 55 19.17 -9.49 -5.08
CA PRO B 55 20.62 -9.49 -4.77
C PRO B 55 21.16 -8.11 -4.49
N LEU B 56 20.65 -7.08 -5.17
CA LEU B 56 21.04 -5.71 -4.85
C LEU B 56 20.72 -5.38 -3.40
N ALA B 57 19.49 -5.67 -2.96
CA ALA B 57 19.11 -5.38 -1.59
C ALA B 57 19.97 -6.13 -0.59
N ILE B 58 20.30 -7.39 -0.87
CA ILE B 58 21.17 -8.14 0.04
C ILE B 58 22.53 -7.47 0.13
N ALA B 59 23.06 -7.04 -1.02
CA ALA B 59 24.36 -6.36 -1.01
C ALA B 59 24.31 -5.07 -0.21
N VAL B 60 23.23 -4.29 -0.34
CA VAL B 60 23.10 -3.08 0.46
C VAL B 60 23.05 -3.42 1.94
N LEU B 61 22.24 -4.40 2.29
CA LEU B 61 22.05 -4.72 3.71
C LEU B 61 23.30 -5.35 4.32
N ASP B 62 24.12 -6.01 3.50
CA ASP B 62 25.40 -6.50 3.99
C ASP B 62 26.31 -5.34 4.39
N GLN B 63 26.27 -4.25 3.62
CA GLN B 63 27.01 -3.06 4.02
C GLN B 63 26.42 -2.40 5.26
N VAL B 64 25.10 -2.44 5.42
CA VAL B 64 24.49 -1.99 6.68
C VAL B 64 25.04 -2.80 7.84
N ASP B 65 25.08 -4.12 7.69
CA ASP B 65 25.57 -4.99 8.76
C ASP B 65 27.02 -4.70 9.10
N LYS B 66 27.83 -4.37 8.10
CA LYS B 66 29.23 -4.05 8.37
C LYS B 66 29.37 -2.72 9.09
N GLY B 67 28.33 -1.89 9.10
CA GLY B 67 28.45 -0.55 9.59
C GLY B 67 28.91 0.45 8.55
N LYS B 68 29.02 0.03 7.29
CA LYS B 68 29.42 0.93 6.22
C LYS B 68 28.28 1.84 5.81
N LEU B 69 27.05 1.34 5.85
CA LEU B 69 25.83 2.10 5.62
C LEU B 69 24.96 1.97 6.87
N SER B 70 23.94 2.82 6.96
CA SER B 70 22.94 2.67 8.00
C SER B 70 21.57 2.88 7.39
N LEU B 71 20.57 2.12 7.85
CA LEU B 71 19.23 2.28 7.31
C LEU B 71 18.68 3.69 7.53
N ASP B 72 19.16 4.39 8.54
CA ASP B 72 18.69 5.75 8.81
C ASP B 72 19.57 6.82 8.19
N GLN B 73 20.52 6.45 7.34
CA GLN B 73 21.31 7.48 6.69
C GLN B 73 20.50 8.17 5.61
N VAL B 74 20.75 9.45 5.44
CA VAL B 74 20.01 10.26 4.49
C VAL B 74 20.62 10.06 3.10
N ILE B 75 19.78 9.71 2.13
CA ILE B 75 20.19 9.65 0.74
C ILE B 75 19.65 10.91 0.07
N HIS B 76 20.56 11.73 -0.46
CA HIS B 76 20.19 12.95 -1.14
C HIS B 76 19.94 12.63 -2.62
N ILE B 77 18.68 12.65 -3.02
CA ILE B 77 18.29 12.26 -4.37
C ILE B 77 18.04 13.52 -5.18
N THR B 78 18.85 13.72 -6.21
CA THR B 78 18.69 14.88 -7.08
C THR B 78 17.73 14.55 -8.22
N LYS B 79 17.16 15.61 -8.79
CA LYS B 79 16.25 15.45 -9.92
C LYS B 79 16.91 14.67 -11.05
N LYS B 80 18.20 14.91 -11.28
CA LYS B 80 18.89 14.25 -12.39
C LYS B 80 18.96 12.74 -12.20
N GLU B 81 19.01 12.28 -10.96
CA GLU B 81 19.01 10.84 -10.68
C GLU B 81 17.63 10.22 -10.86
N LEU B 82 16.56 11.02 -10.88
CA LEU B 82 15.21 10.51 -11.05
C LEU B 82 14.85 10.60 -12.53
N LEU B 83 15.32 9.62 -13.29
CA LEU B 83 15.09 9.63 -14.72
C LEU B 83 13.60 9.63 -15.02
N PRO B 84 13.15 10.41 -16.00
CA PRO B 84 11.77 10.27 -16.49
C PRO B 84 11.64 9.02 -17.35
N PHE B 85 10.39 8.71 -17.69
CA PHE B 85 10.07 7.64 -18.64
C PHE B 85 10.48 6.26 -18.11
N THR B 86 10.47 6.10 -16.79
CA THR B 86 10.74 4.81 -16.18
C THR B 86 9.86 4.69 -14.94
N TRP B 87 9.55 3.46 -14.57
CA TRP B 87 8.69 3.22 -13.40
C TRP B 87 9.44 3.65 -12.15
N SER B 88 8.90 4.65 -11.44
CA SER B 88 9.58 5.18 -10.27
C SER B 88 8.60 5.92 -9.36
N PRO B 89 8.01 5.22 -8.39
CA PRO B 89 7.20 5.90 -7.35
C PRO B 89 7.92 7.01 -6.62
N ILE B 90 9.25 6.94 -6.50
CA ILE B 90 9.99 8.03 -5.89
C ILE B 90 9.83 9.30 -6.71
N ARG B 91 10.04 9.19 -8.03
CA ARG B 91 9.87 10.37 -8.88
C ARG B 91 8.43 10.84 -8.87
N GLU B 92 7.48 9.92 -8.85
CA GLU B 92 6.07 10.33 -8.84
C GLU B 92 5.77 11.22 -7.65
N LYS B 93 6.31 10.90 -6.49
CA LYS B 93 6.03 11.65 -5.28
C LYS B 93 7.00 12.81 -5.07
N TYR B 94 8.21 12.69 -5.58
CA TYR B 94 9.26 13.69 -5.38
C TYR B 94 9.88 14.05 -6.73
N PRO B 95 9.10 14.64 -7.64
CA PRO B 95 9.61 14.89 -8.99
C PRO B 95 10.78 15.85 -9.03
N GLU B 96 10.99 16.66 -7.98
CA GLU B 96 12.10 17.60 -7.94
C GLU B 96 13.26 17.10 -7.09
N GLY B 97 13.26 15.83 -6.72
CA GLY B 97 14.25 15.30 -5.80
C GLY B 97 13.83 15.47 -4.36
N THR B 98 14.56 14.80 -3.48
CA THR B 98 14.21 14.80 -2.05
C THR B 98 15.33 14.11 -1.29
N ASP B 99 15.25 14.22 0.04
CA ASP B 99 16.04 13.40 0.95
C ASP B 99 15.16 12.26 1.44
N LEU B 100 15.64 11.04 1.29
CA LEU B 100 14.96 9.88 1.84
C LEU B 100 15.96 9.09 2.66
N LYS B 101 15.46 8.39 3.68
CA LYS B 101 16.34 7.46 4.38
C LYS B 101 16.65 6.25 3.50
N LEU B 102 17.81 5.65 3.73
CA LEU B 102 18.16 4.43 3.01
C LEU B 102 17.06 3.37 3.14
N ARG B 103 16.50 3.23 4.34
CA ARG B 103 15.38 2.33 4.57
C ARG B 103 14.26 2.55 3.56
N GLU B 104 13.93 3.81 3.30
CA GLU B 104 12.82 4.13 2.41
C GLU B 104 13.19 3.84 0.96
N VAL B 105 14.43 4.12 0.57
CA VAL B 105 14.85 3.82 -0.79
C VAL B 105 14.83 2.32 -1.04
N LEU B 106 15.31 1.53 -0.08
CA LEU B 106 15.25 0.07 -0.23
C LEU B 106 13.81 -0.40 -0.35
N ALA B 107 12.90 0.16 0.45
CA ALA B 107 11.51 -0.27 0.40
C ALA B 107 10.89 0.05 -0.96
N TYR B 108 11.11 1.26 -1.48
CA TYR B 108 10.59 1.60 -2.79
C TYR B 108 11.16 0.68 -3.86
N THR B 109 12.44 0.36 -3.74
CA THR B 109 13.10 -0.44 -4.77
C THR B 109 12.63 -1.87 -4.76
N VAL B 110 12.54 -2.49 -3.57
CA VAL B 110 12.14 -3.89 -3.50
C VAL B 110 10.62 -4.02 -3.61
N SER B 111 9.89 -3.33 -2.74
CA SER B 111 8.44 -3.57 -2.66
C SER B 111 7.70 -3.05 -3.88
N GLN B 112 8.15 -1.93 -4.44
CA GLN B 112 7.48 -1.31 -5.58
C GLN B 112 8.29 -1.34 -6.86
N SER B 113 9.48 -1.94 -6.83
CA SER B 113 10.29 -2.13 -8.03
C SER B 113 10.76 -0.80 -8.64
N ASP B 114 11.02 0.21 -7.81
CA ASP B 114 11.42 1.52 -8.32
C ASP B 114 12.72 1.42 -9.12
N ASN B 115 12.67 1.83 -10.38
CA ASN B 115 13.86 1.72 -11.22
C ASN B 115 14.92 2.76 -10.88
N ASN B 116 14.50 3.96 -10.48
CA ASN B 116 15.47 4.95 -10.06
C ASN B 116 16.06 4.60 -8.70
N GLY B 117 15.23 4.10 -7.77
CA GLY B 117 15.76 3.62 -6.51
C GLY B 117 16.81 2.54 -6.73
N CYS B 118 16.54 1.63 -7.66
CA CYS B 118 17.51 0.61 -8.03
C CYS B 118 18.85 1.21 -8.43
N ASP B 119 18.84 2.16 -9.37
CA ASP B 119 20.09 2.72 -9.85
C ASP B 119 20.80 3.52 -8.77
N ILE B 120 20.04 4.24 -7.95
CA ILE B 120 20.63 4.97 -6.82
C ILE B 120 21.33 4.00 -5.87
N LEU B 121 20.72 2.86 -5.60
CA LEU B 121 21.34 1.88 -4.69
C LEU B 121 22.56 1.23 -5.32
N PHE B 122 22.50 0.90 -6.62
CA PHE B 122 23.70 0.38 -7.27
C PHE B 122 24.85 1.36 -7.15
N ASN B 123 24.58 2.64 -7.36
CA ASN B 123 25.65 3.63 -7.23
C ASN B 123 26.16 3.69 -5.79
N LEU B 124 25.25 3.66 -4.82
CA LEU B 124 25.64 3.79 -3.42
C LEU B 124 26.54 2.63 -2.97
N VAL B 125 26.23 1.42 -3.43
CA VAL B 125 26.90 0.24 -2.94
C VAL B 125 28.22 -0.05 -3.66
N GLY B 126 28.43 0.55 -4.83
CA GLY B 126 29.67 0.33 -5.56
C GLY B 126 29.53 -0.11 -7.01
N GLY B 127 28.31 -0.31 -7.49
CA GLY B 127 28.05 -0.60 -8.88
C GLY B 127 27.64 -2.04 -9.12
N THR B 128 27.29 -2.33 -10.39
CA THR B 128 26.83 -3.67 -10.73
C THR B 128 27.93 -4.71 -10.50
N ALA B 129 29.17 -4.38 -10.85
CA ALA B 129 30.26 -5.34 -10.67
C ALA B 129 30.45 -5.68 -9.20
N TYR B 130 30.34 -4.69 -8.32
CA TYR B 130 30.43 -4.94 -6.89
C TYR B 130 29.35 -5.94 -6.46
N VAL B 131 28.11 -5.72 -6.90
CA VAL B 131 27.02 -6.59 -6.46
C VAL B 131 27.23 -8.00 -6.99
N GLU B 132 27.64 -8.13 -8.25
CA GLU B 132 27.87 -9.45 -8.82
C GLU B 132 28.93 -10.20 -8.03
N GLN B 133 30.04 -9.54 -7.71
CA GLN B 133 31.10 -10.19 -6.94
C GLN B 133 30.63 -10.49 -5.53
N TYR B 134 29.82 -9.63 -4.93
CA TYR B 134 29.27 -9.93 -3.62
C TYR B 134 28.47 -11.22 -3.66
N ILE B 135 27.60 -11.37 -4.65
CA ILE B 135 26.76 -12.57 -4.76
C ILE B 135 27.63 -13.81 -4.97
N HIS B 136 28.65 -13.71 -5.81
CA HIS B 136 29.57 -14.83 -5.97
C HIS B 136 30.27 -15.17 -4.66
N GLY B 137 30.57 -14.16 -3.84
CA GLY B 137 31.17 -14.43 -2.55
C GLY B 137 30.28 -15.16 -1.57
N LEU B 138 28.97 -15.21 -1.85
CA LEU B 138 28.06 -16.02 -1.05
C LEU B 138 28.03 -17.47 -1.49
N GLY B 139 28.73 -17.80 -2.58
CA GLY B 139 28.68 -19.13 -3.15
C GLY B 139 27.69 -19.29 -4.28
N VAL B 140 27.06 -18.21 -4.73
CA VAL B 140 26.06 -18.23 -5.79
C VAL B 140 26.76 -17.90 -7.10
N ASP B 141 26.94 -18.90 -7.96
CA ASP B 141 27.77 -18.78 -9.14
C ASP B 141 26.98 -18.47 -10.41
N SER B 142 25.79 -19.04 -10.56
CA SER B 142 25.06 -18.97 -11.82
C SER B 142 24.16 -17.73 -11.89
N MSE B 143 24.81 -16.58 -11.80
CA MSE B 143 24.12 -15.32 -11.90
C MSE B 143 25.12 -14.30 -12.44
O MSE B 143 26.31 -14.37 -12.16
CB MSE B 143 23.61 -14.88 -10.54
CG MSE B 143 22.77 -13.61 -10.56
SE MSE B 143 21.97 -13.14 -8.83
CE MSE B 143 20.78 -14.65 -8.64
N ALA B 144 24.61 -13.35 -13.24
CA ALA B 144 25.41 -12.24 -13.71
C ALA B 144 24.60 -10.96 -13.59
N ILE B 145 25.28 -9.89 -13.16
CA ILE B 145 24.67 -8.58 -13.04
C ILE B 145 25.59 -7.60 -13.74
N LYS B 146 25.17 -7.13 -14.91
CA LYS B 146 26.02 -6.30 -15.75
C LYS B 146 25.42 -4.94 -16.06
N ALA B 147 24.12 -4.74 -15.87
CA ALA B 147 23.45 -3.54 -16.33
C ALA B 147 22.50 -3.04 -15.25
N ASN B 148 22.51 -1.74 -15.03
CA ASN B 148 21.49 -1.13 -14.19
C ASN B 148 20.23 -0.86 -15.03
N GLU B 149 19.23 -0.22 -14.42
CA GLU B 149 17.97 0.00 -15.12
C GLU B 149 18.13 0.97 -16.28
N GLU B 150 18.94 2.02 -16.09
CA GLU B 150 19.15 2.97 -17.17
C GLU B 150 19.75 2.28 -18.38
N ARG B 151 20.75 1.42 -18.16
CA ARG B 151 21.38 0.72 -19.29
C ARG B 151 20.42 -0.28 -19.93
N MSE B 152 19.62 -0.97 -19.13
CA MSE B 152 18.68 -1.91 -19.70
C MSE B 152 17.66 -1.22 -20.60
O MSE B 152 17.23 -1.77 -21.62
CB MSE B 152 17.96 -2.68 -18.59
CG MSE B 152 18.48 -4.10 -18.44
SE MSE B 152 17.44 -5.10 -17.19
CE MSE B 152 17.87 -3.95 -15.79
N ALA B 153 17.29 0.00 -20.22
CA ALA B 153 16.34 0.75 -21.05
C ALA B 153 16.94 1.21 -22.36
N SER B 154 18.28 1.17 -22.51
CA SER B 154 18.91 1.70 -23.71
C SER B 154 18.75 0.77 -24.92
N ALA B 155 18.55 -0.52 -24.70
CA ALA B 155 18.47 -1.46 -25.80
C ALA B 155 17.85 -2.76 -25.32
N TRP B 156 17.01 -3.35 -26.18
CA TRP B 156 16.24 -4.54 -25.82
C TRP B 156 17.11 -5.66 -25.28
N LYS B 157 18.25 -5.93 -25.92
CA LYS B 157 19.02 -7.11 -25.61
C LYS B 157 19.74 -7.02 -24.26
N VAL B 158 19.89 -5.81 -23.71
CA VAL B 158 20.70 -5.63 -22.52
C VAL B 158 20.19 -6.46 -21.35
N GLN B 159 18.87 -6.60 -21.24
CA GLN B 159 18.29 -7.35 -20.13
C GLN B 159 18.83 -8.78 -20.04
N TYR B 160 19.20 -9.39 -21.17
CA TYR B 160 19.69 -10.76 -21.12
C TYR B 160 21.05 -10.88 -20.45
N THR B 161 21.77 -9.77 -20.28
CA THR B 161 23.05 -9.82 -19.58
C THR B 161 22.89 -9.87 -18.07
N ASN B 162 21.70 -9.60 -17.54
CA ASN B 162 21.39 -9.76 -16.12
C ASN B 162 20.59 -11.06 -16.02
N TRP B 163 21.29 -12.17 -15.84
CA TRP B 163 20.67 -13.49 -15.90
C TRP B 163 20.91 -14.26 -14.62
N SER B 164 20.06 -15.26 -14.40
CA SER B 164 20.20 -16.18 -13.29
C SER B 164 19.68 -17.54 -13.73
N SER B 165 20.24 -18.60 -13.16
CA SER B 165 19.55 -19.87 -13.24
C SER B 165 18.48 -19.91 -12.16
N PRO B 166 17.46 -20.76 -12.34
CA PRO B 166 16.48 -20.90 -11.25
C PRO B 166 17.12 -21.33 -9.94
N LEU B 167 18.14 -22.20 -10.01
CA LEU B 167 18.79 -22.68 -8.81
C LEU B 167 19.57 -21.57 -8.10
N ALA B 168 20.18 -20.66 -8.87
CA ALA B 168 20.94 -19.58 -8.24
C ALA B 168 20.02 -18.67 -7.43
N THR B 169 18.86 -18.32 -7.99
CA THR B 169 17.92 -17.51 -7.24
C THR B 169 17.37 -18.29 -6.06
N LEU B 170 17.13 -19.60 -6.24
CA LEU B 170 16.67 -20.43 -5.13
C LEU B 170 17.68 -20.42 -3.99
N GLN B 171 18.97 -20.52 -4.30
CA GLN B 171 19.98 -20.48 -3.26
C GLN B 171 19.91 -19.17 -2.46
N LEU B 172 19.73 -18.04 -3.15
CA LEU B 172 19.59 -16.76 -2.44
C LEU B 172 18.37 -16.76 -1.56
N LEU B 173 17.25 -17.31 -2.05
CA LEU B 173 16.04 -17.35 -1.23
C LEU B 173 16.25 -18.21 0.01
N LYS B 174 16.92 -19.36 -0.13
CA LYS B 174 17.23 -20.17 1.04
C LYS B 174 18.08 -19.40 2.04
N GLY B 175 19.08 -18.66 1.53
CA GLY B 175 19.94 -17.87 2.42
C GLY B 175 19.21 -16.75 3.12
N ILE B 176 18.23 -16.13 2.46
CA ILE B 176 17.36 -15.18 3.14
C ILE B 176 16.57 -15.88 4.24
N HIS B 177 15.97 -17.03 3.90
CA HIS B 177 15.15 -17.74 4.88
C HIS B 177 15.96 -18.12 6.12
N THR B 178 17.18 -18.60 5.94
CA THR B 178 17.99 -19.06 7.05
C THR B 178 18.75 -17.96 7.75
N GLY B 179 18.69 -16.72 7.25
CA GLY B 179 19.50 -15.67 7.85
C GLY B 179 20.99 -15.85 7.62
N LYS B 180 21.36 -16.55 6.54
CA LYS B 180 22.76 -16.87 6.27
C LYS B 180 23.59 -15.64 5.95
N TYR B 181 23.00 -14.63 5.31
CA TYR B 181 23.77 -13.52 4.76
C TYR B 181 23.71 -12.27 5.60
N LEU B 182 22.70 -12.12 6.45
CA LEU B 182 22.38 -10.84 7.06
C LEU B 182 22.13 -11.02 8.55
N SER B 183 22.39 -9.94 9.30
CA SER B 183 22.04 -9.90 10.71
C SER B 183 20.54 -10.07 10.90
N LYS B 184 20.15 -10.37 12.14
CA LYS B 184 18.73 -10.50 12.44
C LYS B 184 17.95 -9.26 12.04
N ALA B 185 18.46 -8.08 12.40
CA ALA B 185 17.75 -6.83 12.09
C ALA B 185 17.67 -6.61 10.59
N SER B 186 18.77 -6.80 9.87
CA SER B 186 18.75 -6.55 8.43
C SER B 186 17.95 -7.60 7.69
N ASN B 187 18.05 -8.85 8.11
CA ASN B 187 17.29 -9.91 7.45
C ASN B 187 15.80 -9.74 7.70
N ASP B 188 15.43 -9.38 8.93
CA ASP B 188 14.03 -9.07 9.21
C ASP B 188 13.55 -7.94 8.32
N PHE B 189 14.37 -6.92 8.11
CA PHE B 189 13.94 -5.82 7.26
C PHE B 189 13.74 -6.28 5.82
N LEU B 190 14.66 -7.10 5.30
CA LEU B 190 14.52 -7.59 3.93
C LEU B 190 13.23 -8.40 3.77
N LEU B 191 12.95 -9.29 4.71
CA LEU B 191 11.71 -10.07 4.65
C LEU B 191 10.49 -9.15 4.72
N LYS B 192 10.53 -8.14 5.60
CA LYS B 192 9.42 -7.20 5.70
C LYS B 192 9.12 -6.53 4.35
N ILE B 193 10.15 -5.98 3.69
CA ILE B 193 9.90 -5.27 2.45
C ILE B 193 9.53 -6.23 1.33
N MSE B 194 10.04 -7.45 1.36
CA MSE B 194 9.63 -8.44 0.36
C MSE B 194 8.18 -8.89 0.55
O MSE B 194 7.50 -9.20 -0.41
CB MSE B 194 10.58 -9.64 0.37
CG MSE B 194 11.93 -9.32 -0.21
SE MSE B 194 13.16 -10.79 -0.21
CE MSE B 194 12.36 -11.84 -1.63
N LYS B 195 7.72 -8.94 1.81
CA LYS B 195 6.32 -9.28 2.05
C LYS B 195 5.40 -8.13 1.67
N GLU B 196 5.92 -6.90 1.65
CA GLU B 196 5.14 -5.74 1.27
C GLU B 196 5.12 -5.50 -0.23
N THR B 197 5.67 -6.43 -1.02
CA THR B 197 5.66 -6.26 -2.47
C THR B 197 4.23 -6.27 -3.00
N THR B 198 3.93 -5.29 -3.86
CA THR B 198 2.58 -5.07 -4.37
C THR B 198 2.50 -5.26 -5.86
N THR B 199 3.58 -5.70 -6.48
CA THR B 199 3.70 -5.67 -7.93
C THR B 199 3.38 -7.00 -8.62
N GLY B 200 2.99 -8.03 -7.89
CA GLY B 200 2.67 -9.29 -8.55
C GLY B 200 1.39 -9.96 -8.10
N PRO B 201 0.25 -9.24 -8.14
CA PRO B 201 -1.00 -9.84 -7.65
C PRO B 201 -1.40 -11.13 -8.36
N LYS B 202 -1.01 -11.31 -9.62
CA LYS B 202 -1.43 -12.48 -10.38
C LYS B 202 -0.33 -13.53 -10.53
N ARG B 203 0.74 -13.43 -9.75
CA ARG B 203 1.87 -14.34 -9.89
C ARG B 203 1.90 -15.31 -8.69
N LEU B 204 2.97 -15.32 -7.89
CA LEU B 204 3.01 -16.25 -6.76
C LEU B 204 1.74 -16.15 -5.91
N ARG B 205 1.26 -14.93 -5.66
CA ARG B 205 0.13 -14.72 -4.78
C ARG B 205 -1.19 -15.13 -5.41
N GLY B 206 -1.23 -15.27 -6.74
CA GLY B 206 -2.49 -15.19 -7.45
C GLY B 206 -3.50 -16.25 -7.07
N MSE B 207 -3.05 -17.49 -6.93
CA MSE B 207 -3.95 -18.59 -6.58
C MSE B 207 -3.69 -19.15 -5.20
O MSE B 207 -4.06 -20.28 -4.91
CB MSE B 207 -3.86 -19.69 -7.63
CG MSE B 207 -4.32 -19.21 -8.99
SE MSE B 207 -4.02 -20.52 -10.38
CE MSE B 207 -5.11 -21.98 -9.68
N LEU B 208 -3.06 -18.37 -4.34
CA LEU B 208 -2.97 -18.73 -2.94
C LEU B 208 -4.01 -17.96 -2.15
N PRO B 209 -4.37 -18.42 -0.94
CA PRO B 209 -5.30 -17.65 -0.12
C PRO B 209 -4.85 -16.21 0.07
N ALA B 210 -5.82 -15.32 0.24
CA ALA B 210 -5.51 -13.89 0.33
C ALA B 210 -4.66 -13.56 1.55
N ASP B 211 -4.68 -14.39 2.58
CA ASP B 211 -3.87 -14.17 3.77
C ASP B 211 -2.50 -14.85 3.70
N ALA B 212 -2.16 -15.51 2.60
CA ALA B 212 -0.88 -16.19 2.52
C ALA B 212 0.26 -15.19 2.65
N VAL B 213 1.26 -15.56 3.43
CA VAL B 213 2.44 -14.73 3.60
C VAL B 213 3.44 -15.09 2.51
N VAL B 214 3.74 -14.13 1.64
CA VAL B 214 4.60 -14.34 0.48
C VAL B 214 5.62 -13.20 0.49
N ALA B 215 6.89 -13.54 0.69
CA ALA B 215 7.98 -12.57 0.60
C ALA B 215 8.59 -12.76 -0.78
N HIS B 216 8.40 -11.79 -1.69
CA HIS B 216 8.75 -12.08 -3.07
C HIS B 216 9.19 -10.83 -3.82
N LYS B 217 9.70 -11.07 -5.03
CA LYS B 217 10.07 -10.00 -5.95
C LYS B 217 9.76 -10.44 -7.38
N THR B 218 9.05 -9.58 -8.10
CA THR B 218 8.68 -9.81 -9.48
C THR B 218 9.72 -9.25 -10.44
N GLY B 219 9.70 -9.76 -11.67
CA GLY B 219 10.44 -9.18 -12.76
C GLY B 219 9.62 -9.24 -14.04
N SER B 220 9.66 -8.19 -14.84
CA SER B 220 8.83 -8.13 -16.05
C SER B 220 9.56 -7.34 -17.12
N SER B 221 9.64 -7.90 -18.32
CA SER B 221 10.09 -7.15 -19.48
C SER B 221 8.90 -6.59 -20.24
N ASP B 222 9.20 -5.71 -21.19
CA ASP B 222 8.24 -5.34 -22.21
C ASP B 222 8.09 -6.48 -23.22
N THR B 223 7.26 -6.25 -24.23
CA THR B 223 7.04 -7.20 -25.30
C THR B 223 7.52 -6.54 -26.59
N LYS B 224 8.34 -7.24 -27.35
CA LYS B 224 8.89 -6.74 -28.60
C LYS B 224 8.71 -7.79 -29.68
N ASP B 225 8.10 -7.40 -30.80
CA ASP B 225 7.84 -8.30 -31.91
C ASP B 225 7.04 -9.53 -31.46
N GLY B 226 6.12 -9.31 -30.52
CA GLY B 226 5.30 -10.38 -29.98
C GLY B 226 5.95 -11.24 -28.92
N LEU B 227 7.22 -11.01 -28.57
CA LEU B 227 7.94 -11.86 -27.64
C LEU B 227 8.14 -11.10 -26.33
N THR B 228 7.80 -11.73 -25.21
CA THR B 228 8.04 -11.16 -23.90
C THR B 228 9.25 -11.87 -23.32
N ALA B 229 10.34 -11.12 -23.11
CA ALA B 229 11.59 -11.71 -22.65
C ALA B 229 11.47 -12.33 -21.26
N ALA B 230 10.73 -11.70 -20.35
CA ALA B 230 10.74 -12.15 -18.96
C ALA B 230 9.44 -11.83 -18.27
N THR B 231 8.89 -12.83 -17.58
CA THR B 231 7.76 -12.67 -16.67
C THR B 231 8.12 -13.59 -15.50
N ASN B 232 8.58 -13.00 -14.38
CA ASN B 232 9.20 -13.76 -13.31
C ASN B 232 8.58 -13.43 -11.96
N ASP B 233 8.67 -14.38 -11.05
CA ASP B 233 8.39 -14.09 -9.64
C ASP B 233 9.18 -15.11 -8.81
N ALA B 234 9.70 -14.65 -7.68
CA ALA B 234 10.53 -15.51 -6.85
C ALA B 234 10.31 -15.13 -5.40
N GLY B 235 10.15 -16.10 -4.52
CA GLY B 235 9.87 -15.71 -3.16
C GLY B 235 9.80 -16.88 -2.20
N ILE B 236 9.51 -16.54 -0.95
CA ILE B 236 9.37 -17.48 0.14
C ILE B 236 7.92 -17.44 0.60
N VAL B 237 7.26 -18.58 0.61
CA VAL B 237 5.85 -18.68 0.94
C VAL B 237 5.71 -19.43 2.27
N THR B 238 4.95 -18.87 3.20
CA THR B 238 4.68 -19.56 4.46
C THR B 238 3.45 -20.43 4.27
N LEU B 239 3.59 -21.73 4.55
CA LEU B 239 2.51 -22.68 4.35
C LEU B 239 1.56 -22.66 5.54
N PRO B 240 0.36 -23.23 5.38
CA PRO B 240 -0.57 -23.29 6.52
C PRO B 240 0.00 -24.01 7.73
N ASP B 241 0.87 -25.01 7.52
CA ASP B 241 1.48 -25.72 8.64
C ASP B 241 2.65 -24.96 9.27
N GLY B 242 2.96 -23.76 8.79
CA GLY B 242 4.00 -22.95 9.37
C GLY B 242 5.38 -23.16 8.77
N SER B 243 5.58 -24.21 7.97
CA SER B 243 6.83 -24.38 7.26
C SER B 243 6.80 -23.48 6.03
N HIS B 244 7.88 -23.52 5.24
CA HIS B 244 8.08 -22.55 4.18
C HIS B 244 8.53 -23.23 2.89
N LEU B 245 8.13 -22.64 1.77
CA LEU B 245 8.61 -23.03 0.46
C LEU B 245 9.34 -21.84 -0.16
N ALA B 246 10.46 -22.10 -0.79
CA ALA B 246 11.09 -21.14 -1.69
C ALA B 246 10.73 -21.54 -3.12
N ILE B 247 10.23 -20.58 -3.90
CA ILE B 247 9.72 -20.87 -5.23
C ILE B 247 10.26 -19.83 -6.19
N VAL B 248 10.80 -20.30 -7.32
CA VAL B 248 11.29 -19.45 -8.39
C VAL B 248 10.61 -19.91 -9.67
N VAL B 249 9.96 -18.99 -10.38
CA VAL B 249 9.41 -19.29 -11.71
C VAL B 249 9.82 -18.17 -12.65
N PHE B 250 10.57 -18.54 -13.69
CA PHE B 250 11.00 -17.62 -14.74
C PHE B 250 10.31 -18.05 -16.03
N VAL B 251 9.50 -17.18 -16.60
CA VAL B 251 8.83 -17.44 -17.86
C VAL B 251 9.47 -16.54 -18.91
N SER B 252 10.22 -17.12 -19.82
CA SER B 252 11.04 -16.32 -20.73
C SER B 252 10.74 -16.64 -22.19
N ASP B 253 10.90 -15.60 -23.02
CA ASP B 253 10.89 -15.74 -24.48
C ASP B 253 9.65 -16.45 -24.98
N THR B 254 8.49 -15.95 -24.53
CA THR B 254 7.22 -16.54 -24.89
C THR B 254 6.41 -15.56 -25.72
N LYS B 255 5.52 -16.10 -26.55
CA LYS B 255 4.62 -15.30 -27.34
C LYS B 255 3.20 -15.26 -26.78
N VAL B 256 2.95 -15.95 -25.67
CA VAL B 256 1.59 -15.99 -25.11
C VAL B 256 1.28 -14.68 -24.39
N ASN B 257 -0.01 -14.45 -24.15
CA ASN B 257 -0.46 -13.20 -23.57
C ASN B 257 -0.16 -13.14 -22.08
N GLU B 258 -0.40 -11.95 -21.51
CA GLU B 258 -0.04 -11.70 -20.12
C GLU B 258 -0.79 -12.64 -19.17
N ALA B 259 -2.08 -12.86 -19.41
CA ALA B 259 -2.84 -13.72 -18.52
C ALA B 259 -2.26 -15.13 -18.48
N ILE B 260 -1.85 -15.65 -19.63
CA ILE B 260 -1.26 -16.99 -19.66
C ILE B 260 0.10 -17.00 -18.98
N ARG B 261 0.96 -16.04 -19.31
CA ARG B 261 2.30 -15.98 -18.71
C ARG B 261 2.23 -15.91 -17.18
N GLU B 262 1.42 -14.99 -16.65
CA GLU B 262 1.32 -14.88 -15.21
C GLU B 262 0.65 -16.11 -14.62
N GLY B 263 -0.32 -16.67 -15.33
CA GLY B 263 -1.00 -17.85 -14.84
C GLY B 263 -0.09 -19.06 -14.70
N VAL B 264 0.94 -19.15 -15.54
CA VAL B 264 1.92 -20.21 -15.37
C VAL B 264 2.56 -20.11 -13.99
N ILE B 265 2.94 -18.90 -13.58
CA ILE B 265 3.54 -18.72 -12.26
C ILE B 265 2.54 -19.05 -11.18
N ALA B 266 1.32 -18.52 -11.30
CA ALA B 266 0.33 -18.72 -10.25
C ALA B 266 -0.02 -20.20 -10.10
N ARG B 267 -0.17 -20.90 -11.23
CA ARG B 267 -0.57 -22.31 -11.19
C ARG B 267 0.53 -23.20 -10.64
N ILE B 268 1.78 -22.95 -11.03
CA ILE B 268 2.88 -23.73 -10.48
C ILE B 268 3.01 -23.48 -8.99
N THR B 269 2.86 -22.23 -8.57
CA THR B 269 2.93 -21.93 -7.14
C THR B 269 1.85 -22.67 -6.38
N ARG B 270 0.60 -22.63 -6.88
CA ARG B 270 -0.47 -23.33 -6.20
C ARG B 270 -0.25 -24.85 -6.20
N LEU B 271 0.34 -25.39 -7.27
CA LEU B 271 0.68 -26.80 -7.30
C LEU B 271 1.61 -27.17 -6.14
N PHE B 272 2.65 -26.37 -5.90
CA PHE B 272 3.56 -26.67 -4.82
C PHE B 272 2.90 -26.47 -3.46
N TRP B 273 2.10 -25.41 -3.32
CA TRP B 273 1.35 -25.17 -2.10
C TRP B 273 0.46 -26.36 -1.78
N ASP B 274 -0.29 -26.83 -2.77
CA ASP B 274 -1.20 -27.95 -2.56
C ASP B 274 -0.45 -29.21 -2.18
N ALA B 275 0.71 -29.45 -2.78
CA ALA B 275 1.45 -30.66 -2.50
C ALA B 275 2.05 -30.63 -1.11
N ALA B 276 2.26 -29.46 -0.55
CA ALA B 276 2.81 -29.29 0.78
C ALA B 276 1.74 -29.05 1.83
N ASN B 277 0.47 -29.03 1.43
CA ASN B 277 -0.63 -28.74 2.34
C ASN B 277 -1.76 -29.74 2.17
C ACT C . -9.95 -14.47 -2.92
O ACT C . -9.68 -13.84 -3.98
OXT ACT C . -9.18 -15.16 -2.19
CH3 ACT C . -11.44 -14.40 -2.48
C ACT D . -6.94 6.57 11.73
O ACT D . -6.93 5.94 10.65
OXT ACT D . -7.66 6.36 12.76
CH3 ACT D . -5.90 7.73 11.80
CL CL E . 2.33 -10.36 4.88
CL CL F . -23.42 8.48 22.39
CL CL G . -18.22 -8.92 17.83
CL CL H . -27.12 9.35 0.81
O1 MES I . 2.75 -1.80 -12.38
C2 MES I . 3.89 -1.01 -12.71
C3 MES I . 5.15 -1.47 -11.96
N4 MES I . 5.34 -2.88 -12.26
C5 MES I . 4.21 -3.74 -12.54
C6 MES I . 3.04 -3.08 -11.83
C7 MES I . 6.62 -3.45 -11.83
C8 MES I . 6.75 -4.88 -12.37
S MES I . 8.16 -5.58 -11.82
O1S MES I . 8.20 -6.93 -12.40
O2S MES I . 9.32 -4.72 -12.24
O3S MES I . 8.13 -5.65 -10.35
C FMT J . 20.54 -21.90 -20.92
O1 FMT J . 19.83 -21.27 -21.71
O2 FMT J . 21.40 -21.38 -20.22
C ACT K . 24.30 -21.67 -7.60
O ACT K . 24.45 -20.96 -8.62
OXT ACT K . 23.19 -22.06 -7.03
CH3 ACT K . 25.65 -22.10 -6.92
CL CL L . -5.50 -23.29 -0.49
CL CL M . 2.15 -8.58 -5.14
CL CL N . 11.94 -4.70 -21.68
CL CL O . 22.82 10.97 7.13
#